data_2J0O
#
_entry.id   2J0O
#
_cell.length_a   55.867
_cell.length_b   100.693
_cell.length_c   111.993
_cell.angle_alpha   90.00
_cell.angle_beta   90.00
_cell.angle_gamma   90.00
#
_symmetry.space_group_name_H-M   'P 21 21 21'
#
loop_
_entity.id
_entity.type
_entity.pdbx_description
1 polymer 'INVASIN IPAD'
2 non-polymer GLYCEROL
3 water water
#
_entity_poly.entity_id   1
_entity_poly.type   'polypeptide(L)'
_entity_poly.pdbx_seq_one_letter_code
;FSPNNTNGSSTETVNSDIKTTTSSHPVSSLTMLNDTLHNIRTTNQALKKELSQKTLTKTSLEEIALHSSQISMDVNKSAQ
LLDILSRHEYPINKDARELLHSAPKEAELDGDQMISHRELWAKIANSINDINEQYLKVYEHAVSSYTQMYQDFSAVLSSL
AGWISPGGNDGNSVKLQVNSLKKALEELKEKYKDKPLYPANNTVSQEQANKWLTELGGTIGKVSQKNGGYVVSINMTPID
NMLKSLDNLGGNGEVVLDNAKYQAWNAGFSAEDETMKNNLQTLVQKYSNANSIFDNLVKVLSSTISSCTDTDKLFLHF
;
_entity_poly.pdbx_strand_id   A,B
#
loop_
_chem_comp.id
_chem_comp.type
_chem_comp.name
_chem_comp.formula
GOL non-polymer GLYCEROL 'C3 H8 O3'
#
# COMPACT_ATOMS: atom_id res chain seq x y z
N HIS A 25 8.91 -45.79 9.17
CA HIS A 25 7.64 -45.72 8.47
C HIS A 25 7.05 -44.31 8.52
N PRO A 26 5.87 -44.14 7.93
CA PRO A 26 5.21 -42.85 7.87
C PRO A 26 5.19 -42.06 9.18
N VAL A 27 5.60 -42.70 10.27
CA VAL A 27 5.66 -42.02 11.56
C VAL A 27 6.88 -41.11 11.62
N SER A 28 7.94 -41.51 10.94
CA SER A 28 9.14 -40.70 10.84
C SER A 28 8.83 -39.53 9.91
N SER A 29 8.12 -39.84 8.84
CA SER A 29 7.69 -38.82 7.88
C SER A 29 6.91 -37.75 8.64
N LEU A 30 6.08 -38.20 9.57
CA LEU A 30 5.26 -37.31 10.38
C LEU A 30 6.12 -36.34 11.18
N THR A 31 7.27 -36.83 11.65
CA THR A 31 8.16 -35.99 12.44
C THR A 31 9.14 -35.18 11.58
N MET A 32 9.48 -35.71 10.41
CA MET A 32 10.36 -35.00 9.50
C MET A 32 9.64 -33.81 8.90
N LEU A 33 8.35 -33.98 8.65
CA LEU A 33 7.51 -32.91 8.10
C LEU A 33 7.41 -31.75 9.08
N ASN A 34 7.43 -32.07 10.37
CA ASN A 34 7.35 -31.03 11.40
C ASN A 34 8.63 -30.21 11.41
N ASP A 35 9.75 -30.90 11.22
CA ASP A 35 11.04 -30.24 11.16
C ASP A 35 11.04 -29.30 9.96
N THR A 36 10.66 -29.83 8.80
CA THR A 36 10.61 -29.06 7.56
C THR A 36 9.64 -27.90 7.68
N LEU A 37 8.53 -28.11 8.37
CA LEU A 37 7.53 -27.07 8.56
C LEU A 37 8.08 -25.98 9.47
N HIS A 38 8.76 -26.38 10.53
CA HIS A 38 9.35 -25.42 11.46
C HIS A 38 10.41 -24.61 10.70
N ASN A 39 11.11 -25.28 9.80
CA ASN A 39 12.15 -24.65 8.99
C ASN A 39 11.53 -23.57 8.10
N ILE A 40 10.47 -23.93 7.39
CA ILE A 40 9.78 -23.00 6.51
C ILE A 40 9.38 -21.76 7.29
N ARG A 41 8.96 -21.96 8.54
CA ARG A 41 8.56 -20.86 9.41
C ARG A 41 9.76 -19.96 9.69
N THR A 42 10.88 -20.58 10.06
CA THR A 42 12.10 -19.84 10.36
C THR A 42 12.49 -18.95 9.19
N THR A 43 12.43 -19.51 7.99
CA THR A 43 12.77 -18.77 6.78
C THR A 43 11.77 -17.64 6.54
N ASN A 44 10.49 -17.95 6.68
CA ASN A 44 9.44 -16.97 6.47
C ASN A 44 9.63 -15.76 7.39
N GLN A 45 9.80 -16.01 8.68
CA GLN A 45 9.99 -14.94 9.65
C GLN A 45 11.20 -14.08 9.31
N ALA A 46 12.24 -14.70 8.77
CA ALA A 46 13.44 -13.99 8.38
C ALA A 46 13.16 -13.10 7.18
N LEU A 47 12.24 -13.56 6.34
CA LEU A 47 11.86 -12.83 5.13
C LEU A 47 11.00 -11.61 5.45
N LYS A 48 10.11 -11.75 6.42
CA LYS A 48 9.23 -10.65 6.82
C LYS A 48 10.04 -9.46 7.32
N LYS A 49 10.91 -9.71 8.29
CA LYS A 49 11.76 -8.66 8.85
C LYS A 49 12.49 -7.92 7.73
N GLU A 50 12.75 -8.64 6.64
CA GLU A 50 13.43 -8.06 5.50
C GLU A 50 12.54 -7.08 4.75
N LEU A 51 11.28 -7.47 4.55
CA LEU A 51 10.31 -6.64 3.82
C LEU A 51 9.83 -5.44 4.63
N SER A 52 9.94 -5.53 5.95
CA SER A 52 9.54 -4.43 6.82
C SER A 52 10.58 -3.31 6.69
N GLN A 53 11.41 -3.39 5.65
CA GLN A 53 12.49 -2.44 5.45
C GLN A 53 12.19 -1.26 4.54
N LYS A 54 12.97 -0.21 4.73
CA LYS A 54 12.83 1.05 4.01
C LYS A 54 13.26 1.00 2.55
N THR A 55 14.42 0.37 2.31
CA THR A 55 15.01 0.40 0.99
C THR A 55 15.37 -0.97 0.42
N LEU A 56 14.58 -1.43 -0.54
CA LEU A 56 14.87 -2.68 -1.20
C LEU A 56 16.25 -2.55 -1.84
N THR A 57 17.28 -2.85 -1.06
CA THR A 57 18.65 -2.73 -1.52
C THR A 57 19.02 -3.88 -2.44
N LYS A 58 20.07 -3.67 -3.24
CA LYS A 58 20.55 -4.71 -4.15
C LYS A 58 20.80 -5.98 -3.35
N THR A 59 21.13 -5.79 -2.08
CA THR A 59 21.40 -6.91 -1.17
C THR A 59 20.10 -7.46 -0.61
N SER A 60 19.22 -6.58 -0.15
CA SER A 60 17.94 -6.99 0.42
C SER A 60 17.14 -7.82 -0.58
N LEU A 61 17.50 -7.70 -1.86
CA LEU A 61 16.82 -8.44 -2.91
C LEU A 61 17.33 -9.86 -3.05
N GLU A 62 18.62 -10.02 -3.32
CA GLU A 62 19.20 -11.36 -3.42
C GLU A 62 19.00 -12.05 -2.08
N GLU A 63 18.74 -11.23 -1.07
CA GLU A 63 18.44 -11.72 0.26
C GLU A 63 17.16 -12.54 0.15
N ILE A 64 16.18 -11.95 -0.54
CA ILE A 64 14.89 -12.58 -0.75
C ILE A 64 14.98 -13.78 -1.68
N ALA A 65 15.68 -13.60 -2.80
CA ALA A 65 15.84 -14.67 -3.78
C ALA A 65 16.31 -15.96 -3.12
N LEU A 66 17.27 -15.83 -2.20
CA LEU A 66 17.81 -17.00 -1.51
C LEU A 66 16.81 -17.56 -0.51
N HIS A 67 16.05 -16.68 0.12
CA HIS A 67 15.06 -17.09 1.11
C HIS A 67 13.88 -17.80 0.45
N SER A 68 13.50 -17.32 -0.73
CA SER A 68 12.41 -17.93 -1.47
C SER A 68 12.80 -19.33 -1.92
N SER A 69 13.92 -19.43 -2.63
CA SER A 69 14.43 -20.71 -3.11
C SER A 69 14.52 -21.72 -1.97
N GLN A 70 14.90 -21.24 -0.78
CA GLN A 70 15.01 -22.11 0.38
C GLN A 70 13.62 -22.59 0.78
N ILE A 71 12.67 -21.66 0.82
CA ILE A 71 11.30 -21.98 1.16
C ILE A 71 10.74 -22.99 0.15
N SER A 72 11.18 -22.84 -1.10
CA SER A 72 10.72 -23.72 -2.18
C SER A 72 11.31 -25.12 -2.05
N MET A 73 12.50 -25.21 -1.46
CA MET A 73 13.14 -26.50 -1.26
C MET A 73 12.40 -27.28 -0.19
N ASP A 74 11.98 -26.57 0.85
CA ASP A 74 11.26 -27.18 1.97
C ASP A 74 9.83 -27.58 1.60
N VAL A 75 9.17 -26.73 0.81
CA VAL A 75 7.81 -27.04 0.37
C VAL A 75 7.82 -28.36 -0.41
N ASN A 76 8.78 -28.50 -1.30
CA ASN A 76 8.92 -29.73 -2.08
C ASN A 76 9.30 -30.86 -1.15
N LYS A 77 10.16 -30.56 -0.18
CA LYS A 77 10.56 -31.54 0.82
C LYS A 77 9.31 -31.99 1.57
N SER A 78 8.44 -31.02 1.84
CA SER A 78 7.18 -31.30 2.53
C SER A 78 6.28 -32.13 1.62
N ALA A 79 6.09 -31.68 0.39
CA ALA A 79 5.26 -32.37 -0.59
C ALA A 79 5.62 -33.85 -0.68
N GLN A 80 6.91 -34.15 -0.62
CA GLN A 80 7.38 -35.53 -0.69
C GLN A 80 6.88 -36.34 0.51
N LEU A 81 6.98 -35.75 1.69
CA LEU A 81 6.54 -36.42 2.92
C LEU A 81 5.02 -36.50 2.96
N LEU A 82 4.37 -35.37 2.73
CA LEU A 82 2.91 -35.32 2.71
C LEU A 82 2.36 -36.39 1.78
N ASP A 83 3.08 -36.65 0.68
CA ASP A 83 2.67 -37.67 -0.27
C ASP A 83 2.72 -39.06 0.34
N ILE A 84 3.76 -39.31 1.13
CA ILE A 84 3.92 -40.60 1.80
C ILE A 84 2.79 -40.83 2.78
N LEU A 85 2.52 -39.83 3.61
CA LEU A 85 1.45 -39.89 4.59
C LEU A 85 0.11 -40.19 3.91
N SER A 86 -0.08 -39.61 2.73
CA SER A 86 -1.32 -39.79 1.98
C SER A 86 -1.50 -41.24 1.53
N ARG A 87 -0.51 -41.75 0.80
CA ARG A 87 -0.57 -43.12 0.30
C ARG A 87 -0.84 -44.10 1.44
N HIS A 88 -0.15 -43.90 2.57
CA HIS A 88 -0.33 -44.75 3.74
C HIS A 88 -1.60 -44.39 4.49
N GLU A 89 -2.33 -43.41 3.97
CA GLU A 89 -3.58 -42.96 4.58
C GLU A 89 -3.49 -42.76 6.09
N TYR A 90 -2.41 -42.11 6.53
CA TYR A 90 -2.23 -41.85 7.96
C TYR A 90 -3.38 -41.01 8.49
N PRO A 91 -4.05 -41.53 9.53
CA PRO A 91 -5.22 -40.86 10.10
C PRO A 91 -4.92 -39.51 10.74
N ILE A 92 -5.90 -38.62 10.64
CA ILE A 92 -5.82 -37.30 11.25
C ILE A 92 -7.05 -37.12 12.13
N ASN A 93 -6.87 -37.34 13.44
CA ASN A 93 -7.98 -37.26 14.38
C ASN A 93 -8.88 -36.04 14.20
N LYS A 94 -10.04 -36.07 14.84
CA LYS A 94 -11.00 -34.99 14.74
C LYS A 94 -10.45 -33.67 15.28
N ASP A 95 -9.75 -33.74 16.42
CA ASP A 95 -9.18 -32.56 17.02
C ASP A 95 -8.14 -31.93 16.10
N ALA A 96 -7.18 -32.74 15.66
CA ALA A 96 -6.14 -32.25 14.75
C ALA A 96 -6.79 -31.67 13.51
N ARG A 97 -7.90 -32.27 13.10
CA ARG A 97 -8.63 -31.81 11.91
C ARG A 97 -9.32 -30.49 12.21
N GLU A 98 -9.92 -30.38 13.39
CA GLU A 98 -10.61 -29.17 13.80
C GLU A 98 -9.66 -27.97 13.72
N LEU A 99 -8.39 -28.21 13.97
CA LEU A 99 -7.37 -27.17 13.97
C LEU A 99 -7.25 -26.46 12.61
N LEU A 100 -7.57 -27.18 11.53
CA LEU A 100 -7.48 -26.62 10.19
C LEU A 100 -8.38 -25.41 9.98
N HIS A 101 -9.37 -25.25 10.85
CA HIS A 101 -10.31 -24.14 10.75
C HIS A 101 -9.62 -22.79 10.98
N SER A 102 -8.47 -22.82 11.63
CA SER A 102 -7.75 -21.58 11.95
C SER A 102 -6.78 -21.14 10.85
N ALA A 103 -6.60 -21.97 9.82
CA ALA A 103 -5.73 -21.63 8.71
C ALA A 103 -6.38 -20.57 7.83
N PRO A 104 -5.57 -19.87 7.03
CA PRO A 104 -6.07 -18.81 6.17
C PRO A 104 -7.19 -19.30 5.26
N LYS A 105 -8.09 -18.40 4.91
CA LYS A 105 -9.20 -18.75 4.02
C LYS A 105 -8.67 -19.08 2.63
N GLU A 106 -7.60 -18.39 2.23
CA GLU A 106 -6.99 -18.60 0.93
C GLU A 106 -6.45 -20.04 0.84
N ALA A 107 -5.95 -20.54 1.97
CA ALA A 107 -5.41 -21.89 2.02
C ALA A 107 -6.46 -22.89 1.53
N GLU A 108 -7.72 -22.63 1.89
CA GLU A 108 -8.83 -23.49 1.49
C GLU A 108 -8.77 -24.84 2.19
N LEU A 109 -8.71 -24.82 3.53
CA LEU A 109 -8.66 -26.05 4.30
C LEU A 109 -9.85 -26.15 5.26
N ASP A 110 -10.46 -27.33 5.30
CA ASP A 110 -11.62 -27.57 6.16
C ASP A 110 -11.22 -28.20 7.49
N GLY A 111 -11.85 -27.72 8.57
CA GLY A 111 -11.56 -28.21 9.91
C GLY A 111 -12.09 -29.63 10.15
N ASP A 112 -12.65 -30.24 9.11
CA ASP A 112 -13.16 -31.60 9.20
C ASP A 112 -13.68 -32.08 7.85
N GLN A 113 -15.00 -32.07 7.66
CA GLN A 113 -15.60 -32.50 6.40
C GLN A 113 -15.54 -34.01 6.26
N MET A 114 -14.88 -34.67 7.22
CA MET A 114 -14.74 -36.12 7.24
C MET A 114 -14.47 -36.74 5.88
N ILE A 115 -13.31 -36.43 5.33
CA ILE A 115 -12.89 -36.96 4.04
C ILE A 115 -11.66 -37.83 4.26
N SER A 116 -11.30 -38.62 3.25
CA SER A 116 -10.18 -39.53 3.36
C SER A 116 -8.92 -38.85 3.87
N HIS A 117 -8.19 -39.53 4.74
CA HIS A 117 -6.93 -39.00 5.26
C HIS A 117 -6.03 -38.76 4.06
N ARG A 118 -6.18 -39.61 3.05
CA ARG A 118 -5.39 -39.50 1.82
C ARG A 118 -5.65 -38.17 1.13
N GLU A 119 -6.91 -37.78 1.04
CA GLU A 119 -7.28 -36.53 0.40
C GLU A 119 -6.88 -35.32 1.25
N LEU A 120 -6.96 -35.48 2.56
CA LEU A 120 -6.60 -34.41 3.48
C LEU A 120 -5.11 -34.08 3.38
N TRP A 121 -4.27 -35.11 3.49
CA TRP A 121 -2.83 -34.93 3.38
C TRP A 121 -2.48 -34.37 2.01
N ALA A 122 -3.34 -34.67 1.04
CA ALA A 122 -3.12 -34.21 -0.34
C ALA A 122 -3.49 -32.75 -0.48
N LYS A 123 -4.63 -32.37 0.11
CA LYS A 123 -5.10 -30.99 0.08
C LYS A 123 -4.11 -30.11 0.82
N ILE A 124 -3.62 -30.60 1.94
CA ILE A 124 -2.63 -29.88 2.74
C ILE A 124 -1.42 -29.55 1.88
N ALA A 125 -0.84 -30.58 1.28
CA ALA A 125 0.32 -30.41 0.42
C ALA A 125 0.02 -29.41 -0.68
N ASN A 126 -1.18 -29.51 -1.25
CA ASN A 126 -1.59 -28.60 -2.31
C ASN A 126 -1.64 -27.17 -1.81
N SER A 127 -2.03 -27.00 -0.55
CA SER A 127 -2.11 -25.67 0.05
C SER A 127 -0.75 -25.01 0.18
N ILE A 128 0.25 -25.79 0.59
CA ILE A 128 1.61 -25.29 0.73
C ILE A 128 2.17 -24.85 -0.61
N ASN A 129 1.91 -25.64 -1.65
CA ASN A 129 2.40 -25.34 -2.99
C ASN A 129 1.60 -24.20 -3.62
N ASP A 130 0.29 -24.22 -3.41
CA ASP A 130 -0.57 -23.18 -3.95
C ASP A 130 -0.14 -21.80 -3.46
N ILE A 131 -0.16 -21.63 -2.14
CA ILE A 131 0.21 -20.35 -1.55
C ILE A 131 1.59 -19.90 -1.99
N ASN A 132 2.58 -20.77 -1.84
CA ASN A 132 3.95 -20.45 -2.20
C ASN A 132 4.11 -20.04 -3.66
N GLU A 133 3.35 -20.69 -4.54
CA GLU A 133 3.46 -20.41 -5.97
C GLU A 133 2.53 -19.31 -6.46
N GLN A 134 1.34 -19.23 -5.88
CA GLN A 134 0.36 -18.23 -6.30
C GLN A 134 0.45 -16.91 -5.54
N TYR A 135 1.06 -16.94 -4.37
CA TYR A 135 1.19 -15.73 -3.56
C TYR A 135 2.63 -15.26 -3.41
N LEU A 136 3.43 -16.04 -2.68
CA LEU A 136 4.83 -15.68 -2.47
C LEU A 136 5.56 -15.37 -3.77
N LYS A 137 5.81 -16.41 -4.57
CA LYS A 137 6.51 -16.25 -5.83
C LYS A 137 5.92 -15.16 -6.72
N VAL A 138 4.59 -15.13 -6.81
CA VAL A 138 3.90 -14.15 -7.64
C VAL A 138 4.28 -12.71 -7.29
N TYR A 139 4.46 -12.45 -6.00
CA TYR A 139 4.79 -11.10 -5.54
C TYR A 139 6.28 -10.87 -5.37
N GLU A 140 7.03 -11.93 -5.11
CA GLU A 140 8.46 -11.83 -4.97
C GLU A 140 9.06 -11.45 -6.32
N HIS A 141 8.28 -11.63 -7.38
CA HIS A 141 8.72 -11.29 -8.72
C HIS A 141 8.37 -9.85 -9.08
N ALA A 142 7.11 -9.49 -8.90
CA ALA A 142 6.66 -8.13 -9.17
C ALA A 142 7.44 -7.15 -8.30
N VAL A 143 7.64 -7.52 -7.03
CA VAL A 143 8.40 -6.68 -6.11
C VAL A 143 9.85 -6.57 -6.57
N SER A 144 10.44 -7.69 -6.91
CA SER A 144 11.82 -7.71 -7.39
C SER A 144 11.95 -6.92 -8.69
N SER A 145 11.05 -7.21 -9.63
CA SER A 145 11.05 -6.55 -10.93
C SER A 145 11.02 -5.02 -10.81
N TYR A 146 10.00 -4.51 -10.11
CA TYR A 146 9.86 -3.07 -9.93
C TYR A 146 11.03 -2.51 -9.14
N THR A 147 11.43 -3.22 -8.08
CA THR A 147 12.55 -2.79 -7.26
C THR A 147 13.77 -2.57 -8.12
N GLN A 148 14.13 -3.58 -8.90
CA GLN A 148 15.30 -3.51 -9.78
C GLN A 148 15.26 -2.25 -10.64
N MET A 149 14.12 -2.00 -11.29
CA MET A 149 13.97 -0.84 -12.16
C MET A 149 14.18 0.48 -11.42
N TYR A 150 13.42 0.69 -10.35
CA TYR A 150 13.54 1.92 -9.58
C TYR A 150 14.96 2.10 -9.06
N GLN A 151 15.63 0.97 -8.82
CA GLN A 151 17.02 0.98 -8.37
C GLN A 151 17.90 1.52 -9.49
N ASP A 152 17.45 1.34 -10.72
CA ASP A 152 18.17 1.83 -11.89
C ASP A 152 17.84 3.29 -12.11
N PHE A 153 16.65 3.70 -11.67
CA PHE A 153 16.23 5.09 -11.79
C PHE A 153 16.91 5.93 -10.73
N SER A 154 17.14 5.32 -9.57
CA SER A 154 17.82 6.00 -8.47
C SER A 154 19.27 6.28 -8.84
N ALA A 155 19.81 5.44 -9.72
CA ALA A 155 21.17 5.63 -10.20
C ALA A 155 21.21 6.88 -11.07
N VAL A 156 20.12 7.12 -11.79
CA VAL A 156 19.99 8.30 -12.63
C VAL A 156 19.94 9.55 -11.75
N LEU A 157 19.13 9.48 -10.70
CA LEU A 157 19.00 10.59 -9.76
C LEU A 157 20.38 11.02 -9.27
N SER A 158 21.18 10.05 -8.86
CA SER A 158 22.54 10.32 -8.41
C SER A 158 23.30 11.08 -9.49
N SER A 159 23.08 10.71 -10.74
CA SER A 159 23.73 11.38 -11.87
C SER A 159 23.11 12.75 -12.10
N LEU A 160 21.81 12.87 -11.82
CA LEU A 160 21.10 14.12 -12.00
C LEU A 160 21.76 15.24 -11.22
N ALA A 161 22.38 14.90 -10.09
CA ALA A 161 23.03 15.88 -9.23
C ALA A 161 24.21 16.56 -9.92
N GLY A 162 24.95 15.80 -10.73
CA GLY A 162 26.10 16.33 -11.45
C GLY A 162 25.67 16.87 -12.82
N TRP A 163 24.37 16.83 -13.08
CA TRP A 163 23.83 17.31 -14.35
C TRP A 163 23.26 18.71 -14.21
N ILE A 164 23.26 19.24 -12.99
CA ILE A 164 22.76 20.58 -12.73
C ILE A 164 23.85 21.53 -12.27
N SER A 165 23.90 22.70 -12.88
CA SER A 165 24.88 23.72 -12.53
C SER A 165 24.30 25.11 -12.75
N PRO A 166 24.92 26.12 -12.15
CA PRO A 166 24.46 27.50 -12.27
C PRO A 166 24.72 28.06 -13.66
N GLY A 167 23.66 28.56 -14.29
CA GLY A 167 23.77 29.12 -15.62
C GLY A 167 23.32 30.58 -15.64
N GLY A 168 23.68 31.28 -16.71
CA GLY A 168 23.30 32.69 -16.85
C GLY A 168 23.99 33.58 -15.84
N ASN A 169 23.34 34.72 -15.56
CA ASN A 169 23.82 35.77 -14.65
C ASN A 169 25.03 35.48 -13.74
N ASP A 170 24.85 34.62 -12.75
CA ASP A 170 23.58 33.93 -12.52
C ASP A 170 22.92 34.36 -11.21
N GLY A 171 21.61 34.17 -11.14
CA GLY A 171 20.83 34.49 -9.95
C GLY A 171 19.72 33.46 -9.79
N ASN A 172 20.14 32.21 -9.59
CA ASN A 172 19.24 31.07 -9.43
C ASN A 172 18.89 30.35 -10.72
N SER A 173 19.39 30.86 -11.85
CA SER A 173 19.17 30.21 -13.14
C SER A 173 19.87 28.85 -13.11
N VAL A 174 19.33 27.88 -13.81
CA VAL A 174 19.90 26.53 -13.79
C VAL A 174 20.18 25.94 -15.17
N LYS A 175 21.37 25.35 -15.31
CA LYS A 175 21.76 24.68 -16.54
C LYS A 175 21.50 23.19 -16.39
N LEU A 176 20.77 22.61 -17.34
CA LEU A 176 20.42 21.20 -17.28
C LEU A 176 20.87 20.42 -18.51
N GLN A 177 21.62 19.34 -18.27
CA GLN A 177 22.07 18.49 -19.36
C GLN A 177 20.88 17.68 -19.86
N VAL A 178 20.01 18.32 -20.62
CA VAL A 178 18.80 17.69 -21.12
C VAL A 178 19.09 16.33 -21.76
N ASN A 179 19.93 16.33 -22.79
CA ASN A 179 20.27 15.10 -23.51
C ASN A 179 20.76 14.00 -22.59
N SER A 180 21.73 14.32 -21.73
CA SER A 180 22.29 13.35 -20.79
C SER A 180 21.19 12.66 -19.98
N LEU A 181 20.27 13.45 -19.45
CA LEU A 181 19.16 12.92 -18.67
C LEU A 181 18.19 12.15 -19.56
N LYS A 182 17.92 12.70 -20.74
CA LYS A 182 17.02 12.05 -21.70
C LYS A 182 17.60 10.69 -22.10
N LYS A 183 18.90 10.67 -22.39
CA LYS A 183 19.58 9.44 -22.78
C LYS A 183 19.43 8.39 -21.69
N ALA A 184 19.80 8.76 -20.47
CA ALA A 184 19.69 7.85 -19.34
C ALA A 184 18.25 7.34 -19.20
N LEU A 185 17.30 8.26 -19.21
CA LEU A 185 15.90 7.91 -19.06
C LEU A 185 15.37 6.98 -20.14
N GLU A 186 15.84 7.16 -21.38
CA GLU A 186 15.38 6.31 -22.46
C GLU A 186 16.06 4.95 -22.48
N GLU A 187 17.08 4.79 -21.66
CA GLU A 187 17.78 3.52 -21.53
C GLU A 187 17.06 2.70 -20.48
N LEU A 188 16.54 3.39 -19.46
CA LEU A 188 15.80 2.74 -18.39
C LEU A 188 14.52 2.13 -18.95
N LYS A 189 13.71 2.97 -19.60
CA LYS A 189 12.46 2.51 -20.20
C LYS A 189 12.72 1.32 -21.11
N GLU A 190 13.82 1.41 -21.86
CA GLU A 190 14.19 0.34 -22.78
C GLU A 190 14.43 -0.95 -22.00
N LYS A 191 15.24 -0.85 -20.95
CA LYS A 191 15.59 -2.01 -20.14
C LYS A 191 14.38 -2.69 -19.49
N TYR A 192 13.33 -1.91 -19.24
CA TYR A 192 12.14 -2.45 -18.59
C TYR A 192 10.88 -2.28 -19.42
N LYS A 193 11.07 -1.89 -20.68
CA LYS A 193 9.95 -1.69 -21.59
C LYS A 193 8.95 -2.84 -21.59
N ASP A 194 9.45 -4.06 -21.78
CA ASP A 194 8.58 -5.23 -21.85
C ASP A 194 8.63 -6.14 -20.63
N LYS A 195 9.48 -5.79 -19.66
CA LYS A 195 9.60 -6.58 -18.43
C LYS A 195 8.22 -6.78 -17.81
N PRO A 196 7.87 -8.03 -17.52
CA PRO A 196 6.57 -8.36 -16.96
C PRO A 196 6.59 -8.45 -15.44
N LEU A 197 5.44 -8.26 -14.82
CA LEU A 197 5.30 -8.37 -13.37
C LEU A 197 4.58 -9.67 -13.06
N TYR A 198 3.75 -10.12 -14.00
CA TYR A 198 2.98 -11.35 -13.85
C TYR A 198 2.45 -11.79 -15.21
N PRO A 199 2.68 -13.06 -15.56
CA PRO A 199 3.37 -14.01 -14.70
C PRO A 199 4.88 -13.93 -14.83
N ALA A 200 5.59 -14.41 -13.81
CA ALA A 200 7.05 -14.39 -13.79
C ALA A 200 7.68 -14.90 -15.07
N ASN A 201 7.26 -16.09 -15.51
CA ASN A 201 7.82 -16.70 -16.71
C ASN A 201 6.80 -17.52 -17.51
N ASN A 202 5.64 -16.92 -17.77
CA ASN A 202 4.60 -17.61 -18.53
C ASN A 202 3.59 -16.61 -19.11
N THR A 203 2.55 -17.15 -19.73
CA THR A 203 1.51 -16.34 -20.34
C THR A 203 0.16 -16.64 -19.71
N VAL A 204 -0.84 -15.82 -20.06
CA VAL A 204 -2.18 -15.99 -19.55
C VAL A 204 -3.19 -15.39 -20.53
N SER A 205 -4.47 -15.55 -20.23
CA SER A 205 -5.52 -15.01 -21.08
C SER A 205 -5.65 -13.51 -20.80
N GLN A 206 -5.82 -12.73 -21.86
CA GLN A 206 -5.95 -11.28 -21.73
C GLN A 206 -7.02 -10.94 -20.69
N GLU A 207 -7.96 -11.86 -20.50
CA GLU A 207 -9.03 -11.67 -19.53
C GLU A 207 -8.49 -11.83 -18.11
N GLN A 208 -7.71 -12.87 -17.90
CA GLN A 208 -7.11 -13.13 -16.60
C GLN A 208 -5.93 -12.20 -16.34
N ALA A 209 -5.40 -11.62 -17.42
CA ALA A 209 -4.29 -10.69 -17.32
C ALA A 209 -4.82 -9.33 -16.88
N ASN A 210 -6.01 -8.98 -17.37
CA ASN A 210 -6.66 -7.73 -17.00
C ASN A 210 -7.16 -7.81 -15.57
N LYS A 211 -7.42 -9.03 -15.12
CA LYS A 211 -7.90 -9.28 -13.77
C LYS A 211 -6.82 -8.93 -12.75
N TRP A 212 -5.67 -9.59 -12.87
CA TRP A 212 -4.56 -9.36 -11.95
C TRP A 212 -4.20 -7.88 -11.85
N LEU A 213 -4.23 -7.18 -12.98
CA LEU A 213 -3.89 -5.76 -13.03
C LEU A 213 -4.89 -4.93 -12.22
N THR A 214 -6.16 -5.32 -12.29
CA THR A 214 -7.21 -4.60 -11.58
C THR A 214 -7.22 -4.96 -10.08
N GLU A 215 -6.48 -5.99 -9.73
CA GLU A 215 -6.43 -6.46 -8.34
C GLU A 215 -5.31 -5.83 -7.51
N LEU A 216 -4.29 -5.31 -8.18
CA LEU A 216 -3.17 -4.68 -7.48
C LEU A 216 -3.08 -3.18 -7.74
N GLY A 217 -4.17 -2.62 -8.24
CA GLY A 217 -4.23 -1.18 -8.54
C GLY A 217 -4.72 -0.93 -9.96
N GLY A 218 -3.79 -0.93 -10.90
CA GLY A 218 -4.12 -0.70 -12.31
C GLY A 218 -3.15 0.31 -12.90
N THR A 219 -2.66 1.20 -12.05
CA THR A 219 -1.70 2.21 -12.46
C THR A 219 -0.29 1.61 -12.48
N ILE A 220 -0.06 0.66 -11.60
CA ILE A 220 1.24 0.02 -11.45
C ILE A 220 1.74 -0.65 -12.73
N GLY A 221 0.91 -1.48 -13.34
CA GLY A 221 1.30 -2.20 -14.53
C GLY A 221 0.37 -1.99 -15.72
N LYS A 222 0.74 -2.57 -16.85
CA LYS A 222 -0.03 -2.46 -18.08
C LYS A 222 -0.19 -3.84 -18.72
N VAL A 223 -1.41 -4.19 -19.08
CA VAL A 223 -1.67 -5.46 -19.74
C VAL A 223 -1.14 -5.41 -21.17
N SER A 224 -0.48 -6.48 -21.59
CA SER A 224 0.09 -6.53 -22.93
C SER A 224 0.20 -7.96 -23.44
N GLN A 225 0.45 -8.09 -24.75
CA GLN A 225 0.57 -9.41 -25.37
C GLN A 225 1.92 -9.61 -26.05
N LYS A 226 2.64 -10.65 -25.63
CA LYS A 226 3.89 -11.01 -26.27
C LYS A 226 3.47 -11.93 -27.40
N ASN A 227 3.20 -13.18 -27.03
CA ASN A 227 2.63 -14.21 -27.91
C ASN A 227 2.77 -15.62 -27.35
N GLY A 228 1.61 -16.27 -27.26
CA GLY A 228 1.48 -17.56 -26.61
C GLY A 228 0.45 -17.27 -25.53
N GLY A 229 0.23 -15.98 -25.30
CA GLY A 229 -0.74 -15.51 -24.32
C GLY A 229 -0.54 -14.02 -24.01
N TYR A 230 -1.02 -13.60 -22.84
CA TYR A 230 -0.90 -12.22 -22.40
C TYR A 230 -0.11 -12.14 -21.10
N VAL A 231 0.35 -10.94 -20.77
CA VAL A 231 1.11 -10.72 -19.53
C VAL A 231 0.91 -9.29 -19.02
N VAL A 232 1.06 -9.10 -17.73
CA VAL A 232 0.96 -7.77 -17.12
C VAL A 232 2.36 -7.20 -16.96
N SER A 233 2.72 -6.27 -17.85
CA SER A 233 4.04 -5.67 -17.84
C SER A 233 4.10 -4.40 -17.01
N ILE A 234 5.31 -3.90 -16.79
CA ILE A 234 5.50 -2.68 -16.03
C ILE A 234 5.00 -1.48 -16.81
N ASN A 235 4.25 -0.61 -16.14
CA ASN A 235 3.73 0.60 -16.79
C ASN A 235 4.85 1.64 -16.82
N MET A 236 5.25 2.05 -18.03
CA MET A 236 6.33 3.00 -18.20
C MET A 236 5.83 4.42 -18.39
N THR A 237 4.60 4.68 -17.96
CA THR A 237 4.03 6.02 -18.10
C THR A 237 4.85 7.08 -17.38
N PRO A 238 5.21 6.82 -16.13
CA PRO A 238 6.00 7.78 -15.35
C PRO A 238 7.24 8.23 -16.11
N ILE A 239 7.90 7.28 -16.77
CA ILE A 239 9.11 7.58 -17.54
C ILE A 239 8.78 8.36 -18.81
N ASP A 240 7.63 8.04 -19.41
CA ASP A 240 7.19 8.73 -20.61
C ASP A 240 6.91 10.18 -20.28
N ASN A 241 6.15 10.40 -19.21
CA ASN A 241 5.82 11.74 -18.77
C ASN A 241 7.09 12.52 -18.48
N MET A 242 8.11 11.83 -18.00
CA MET A 242 9.39 12.45 -17.68
C MET A 242 10.09 12.91 -18.95
N LEU A 243 10.04 12.07 -19.98
CA LEU A 243 10.66 12.39 -21.26
C LEU A 243 9.89 13.49 -21.99
N LYS A 244 8.56 13.45 -21.87
CA LYS A 244 7.72 14.46 -22.50
C LYS A 244 8.01 15.83 -21.90
N SER A 245 8.28 15.84 -20.60
CA SER A 245 8.58 17.07 -19.89
C SER A 245 9.94 17.61 -20.29
N LEU A 246 10.89 16.70 -20.52
CA LEU A 246 12.23 17.09 -20.92
C LEU A 246 12.25 17.53 -22.38
N ASP A 247 11.46 16.85 -23.20
CA ASP A 247 11.37 17.20 -24.61
C ASP A 247 10.84 18.63 -24.73
N ASN A 248 9.85 18.94 -23.91
CA ASN A 248 9.24 20.26 -23.91
C ASN A 248 10.19 21.35 -23.44
N LEU A 249 11.24 20.94 -22.73
CA LEU A 249 12.20 21.88 -22.18
C LEU A 249 12.83 22.80 -23.22
N GLY A 250 13.35 22.24 -24.31
CA GLY A 250 13.95 23.05 -25.35
C GLY A 250 15.18 22.42 -25.99
N GLY A 251 15.90 23.22 -26.78
CA GLY A 251 17.09 22.78 -27.51
C GLY A 251 18.00 21.89 -26.67
N ASN A 252 18.75 21.04 -27.36
CA ASN A 252 19.66 20.10 -26.71
C ASN A 252 21.11 20.37 -27.08
N GLY A 253 22.04 19.72 -26.37
CA GLY A 253 21.69 18.82 -25.28
C GLY A 253 21.97 19.49 -23.94
N GLU A 254 21.77 20.81 -23.90
CA GLU A 254 22.00 21.60 -22.70
C GLU A 254 21.08 22.81 -22.71
N VAL A 255 20.24 22.92 -21.68
CA VAL A 255 19.30 24.03 -21.58
C VAL A 255 19.45 24.77 -20.25
N VAL A 256 19.18 26.07 -20.28
CA VAL A 256 19.25 26.91 -19.09
C VAL A 256 17.87 27.47 -18.78
N LEU A 257 17.37 27.18 -17.58
CA LEU A 257 16.05 27.64 -17.17
C LEU A 257 16.13 28.48 -15.90
N ASP A 258 15.38 29.58 -15.88
CA ASP A 258 15.34 30.43 -14.68
C ASP A 258 14.82 29.59 -13.52
N ASN A 259 14.89 30.14 -12.31
CA ASN A 259 14.45 29.39 -11.14
C ASN A 259 13.01 28.91 -11.27
N ALA A 260 12.10 29.83 -11.56
CA ALA A 260 10.69 29.49 -11.72
C ALA A 260 10.49 28.30 -12.64
N LYS A 261 11.13 28.33 -13.81
CA LYS A 261 10.99 27.25 -14.77
C LYS A 261 11.59 25.93 -14.27
N TYR A 262 12.76 26.01 -13.64
CA TYR A 262 13.41 24.83 -13.12
C TYR A 262 12.55 24.15 -12.06
N GLN A 263 12.22 24.89 -11.02
CA GLN A 263 11.40 24.37 -9.93
C GLN A 263 10.13 23.72 -10.48
N ALA A 264 9.45 24.45 -11.37
CA ALA A 264 8.22 23.94 -11.98
C ALA A 264 8.47 22.57 -12.60
N TRP A 265 9.59 22.45 -13.32
CA TRP A 265 9.94 21.19 -13.96
C TRP A 265 10.29 20.14 -12.90
N ASN A 266 11.12 20.52 -11.93
CA ASN A 266 11.52 19.62 -10.87
C ASN A 266 10.28 19.06 -10.18
N ALA A 267 9.30 19.93 -9.93
CA ALA A 267 8.06 19.52 -9.29
C ALA A 267 7.46 18.35 -10.08
N GLY A 268 7.31 18.55 -11.40
CA GLY A 268 6.78 17.51 -12.26
C GLY A 268 7.64 16.26 -12.18
N PHE A 269 8.95 16.44 -12.37
CA PHE A 269 9.90 15.33 -12.30
C PHE A 269 9.79 14.58 -10.98
N SER A 270 9.95 15.31 -9.87
CA SER A 270 9.84 14.70 -8.55
C SER A 270 8.53 13.93 -8.42
N ALA A 271 7.47 14.51 -8.97
CA ALA A 271 6.15 13.88 -8.90
C ALA A 271 6.23 12.45 -9.43
N GLU A 272 6.66 12.31 -10.68
CA GLU A 272 6.79 11.01 -11.33
C GLU A 272 7.57 10.04 -10.45
N ASP A 273 8.67 10.52 -9.89
CA ASP A 273 9.49 9.68 -9.02
C ASP A 273 8.65 9.05 -7.90
N GLU A 274 7.85 9.86 -7.22
CA GLU A 274 7.02 9.39 -6.13
C GLU A 274 5.95 8.41 -6.61
N THR A 275 5.48 8.60 -7.84
CA THR A 275 4.48 7.70 -8.39
C THR A 275 5.04 6.28 -8.38
N MET A 276 6.31 6.16 -8.76
CA MET A 276 6.97 4.87 -8.75
C MET A 276 7.28 4.47 -7.33
N LYS A 277 7.79 5.42 -6.55
CA LYS A 277 8.10 5.18 -5.14
C LYS A 277 6.89 4.59 -4.43
N ASN A 278 5.70 5.07 -4.81
CA ASN A 278 4.47 4.60 -4.22
C ASN A 278 4.14 3.18 -4.68
N ASN A 279 4.00 3.00 -5.99
CA ASN A 279 3.70 1.70 -6.57
C ASN A 279 4.64 0.65 -6.00
N LEU A 280 5.89 1.05 -5.79
CA LEU A 280 6.90 0.16 -5.25
C LEU A 280 6.46 -0.36 -3.88
N GLN A 281 5.98 0.54 -3.03
CA GLN A 281 5.50 0.18 -1.70
C GLN A 281 4.28 -0.73 -1.79
N THR A 282 3.36 -0.39 -2.69
CA THR A 282 2.16 -1.19 -2.89
C THR A 282 2.52 -2.65 -3.12
N LEU A 283 3.47 -2.89 -4.02
CA LEU A 283 3.92 -4.24 -4.31
C LEU A 283 4.52 -4.87 -3.07
N VAL A 284 5.42 -4.14 -2.42
CA VAL A 284 6.07 -4.60 -1.20
C VAL A 284 5.02 -5.02 -0.17
N GLN A 285 3.85 -4.39 -0.25
CA GLN A 285 2.75 -4.68 0.64
C GLN A 285 2.17 -6.06 0.31
N LYS A 286 1.62 -6.18 -0.90
CA LYS A 286 1.02 -7.42 -1.37
C LYS A 286 1.95 -8.62 -1.11
N TYR A 287 3.25 -8.38 -1.12
CA TYR A 287 4.22 -9.43 -0.87
C TYR A 287 4.25 -9.80 0.61
N SER A 288 4.31 -8.79 1.47
CA SER A 288 4.34 -9.01 2.91
C SER A 288 3.07 -9.72 3.36
N ASN A 289 1.94 -9.25 2.83
CA ASN A 289 0.65 -9.87 3.14
C ASN A 289 0.74 -11.36 2.83
N ALA A 290 1.23 -11.67 1.63
CA ALA A 290 1.38 -13.06 1.21
C ALA A 290 2.24 -13.85 2.19
N ASN A 291 3.22 -13.18 2.80
CA ASN A 291 4.08 -13.81 3.78
C ASN A 291 3.26 -14.12 5.02
N SER A 292 2.39 -13.19 5.39
CA SER A 292 1.53 -13.36 6.55
C SER A 292 0.64 -14.59 6.39
N ILE A 293 -0.12 -14.64 5.31
CA ILE A 293 -1.00 -15.76 5.05
C ILE A 293 -0.25 -17.08 5.03
N PHE A 294 0.91 -17.09 4.38
CA PHE A 294 1.74 -18.29 4.32
C PHE A 294 2.17 -18.69 5.72
N ASP A 295 2.61 -17.71 6.50
CA ASP A 295 3.04 -17.94 7.87
C ASP A 295 1.90 -18.51 8.72
N ASN A 296 0.73 -17.89 8.61
CA ASN A 296 -0.46 -18.37 9.32
C ASN A 296 -0.66 -19.83 8.97
N LEU A 297 -0.48 -20.15 7.68
CA LEU A 297 -0.63 -21.52 7.20
C LEU A 297 0.28 -22.49 7.95
N VAL A 298 1.59 -22.30 7.81
CA VAL A 298 2.56 -23.19 8.44
C VAL A 298 2.37 -23.28 9.96
N LYS A 299 1.92 -22.17 10.56
CA LYS A 299 1.73 -22.15 12.01
C LYS A 299 0.65 -23.13 12.46
N VAL A 300 -0.49 -23.13 11.78
CA VAL A 300 -1.57 -24.06 12.12
C VAL A 300 -1.32 -25.45 11.56
N LEU A 301 -0.62 -25.51 10.43
CA LEU A 301 -0.28 -26.78 9.81
C LEU A 301 0.60 -27.56 10.79
N SER A 302 1.56 -26.86 11.39
CA SER A 302 2.46 -27.46 12.36
C SER A 302 1.71 -27.97 13.59
N SER A 303 0.81 -27.15 14.11
CA SER A 303 0.00 -27.54 15.26
C SER A 303 -0.81 -28.79 14.90
N THR A 304 -1.35 -28.81 13.69
CA THR A 304 -2.12 -29.95 13.22
C THR A 304 -1.24 -31.20 13.25
N ILE A 305 -0.10 -31.12 12.57
CA ILE A 305 0.84 -32.24 12.50
C ILE A 305 1.14 -32.77 13.90
N SER A 306 1.50 -31.86 14.80
CA SER A 306 1.80 -32.22 16.19
C SER A 306 0.66 -33.03 16.81
N SER A 307 -0.57 -32.52 16.68
CA SER A 307 -1.74 -33.19 17.24
C SER A 307 -2.00 -34.55 16.63
N CYS A 308 -0.98 -35.12 15.98
CA CYS A 308 -1.10 -36.42 15.35
C CYS A 308 -0.17 -37.44 16.01
N HIS B 25 -2.92 47.41 -4.48
CA HIS B 25 -3.80 46.80 -5.48
C HIS B 25 -3.49 45.30 -5.63
N PRO B 26 -4.09 44.67 -6.63
CA PRO B 26 -3.89 43.26 -6.89
C PRO B 26 -2.43 42.83 -7.03
N VAL B 27 -1.51 43.78 -6.89
CA VAL B 27 -0.09 43.47 -6.97
C VAL B 27 0.41 42.96 -5.62
N SER B 28 -0.19 43.46 -4.55
CA SER B 28 0.14 43.01 -3.20
C SER B 28 -0.47 41.63 -3.03
N SER B 29 -1.68 41.46 -3.55
CA SER B 29 -2.35 40.18 -3.51
C SER B 29 -1.46 39.15 -4.17
N LEU B 30 -0.84 39.55 -5.29
CA LEU B 30 0.06 38.70 -6.04
C LEU B 30 1.21 38.22 -5.17
N THR B 31 1.69 39.10 -4.29
CA THR B 31 2.81 38.77 -3.41
C THR B 31 2.37 38.09 -2.12
N MET B 32 1.16 38.42 -1.66
CA MET B 32 0.63 37.82 -0.44
C MET B 32 0.29 36.35 -0.69
N LEU B 33 -0.13 36.05 -1.92
CA LEU B 33 -0.48 34.69 -2.31
C LEU B 33 0.77 33.81 -2.36
N ASN B 34 1.90 34.40 -2.74
CA ASN B 34 3.15 33.66 -2.81
C ASN B 34 3.60 33.28 -1.41
N ASP B 35 3.37 34.17 -0.45
CA ASP B 35 3.72 33.91 0.94
C ASP B 35 2.85 32.76 1.42
N THR B 36 1.54 32.89 1.20
CA THR B 36 0.58 31.88 1.61
C THR B 36 0.88 30.54 0.94
N LEU B 37 1.28 30.59 -0.32
CA LEU B 37 1.61 29.38 -1.06
C LEU B 37 2.86 28.72 -0.49
N HIS B 38 3.88 29.54 -0.22
CA HIS B 38 5.12 29.04 0.37
C HIS B 38 4.80 28.41 1.73
N ASN B 39 3.88 29.04 2.46
CA ASN B 39 3.46 28.54 3.76
C ASN B 39 2.87 27.15 3.61
N ILE B 40 1.90 27.02 2.72
CA ILE B 40 1.24 25.74 2.47
C ILE B 40 2.28 24.65 2.21
N ARG B 41 3.34 25.02 1.50
CA ARG B 41 4.41 24.08 1.19
C ARG B 41 5.14 23.65 2.45
N THR B 42 5.44 24.60 3.32
CA THR B 42 6.12 24.31 4.57
C THR B 42 5.30 23.31 5.38
N THR B 43 4.00 23.58 5.50
CA THR B 43 3.11 22.70 6.24
C THR B 43 3.05 21.32 5.59
N ASN B 44 2.89 21.30 4.28
CA ASN B 44 2.81 20.05 3.54
C ASN B 44 4.05 19.18 3.79
N GLN B 45 5.21 19.78 3.64
CA GLN B 45 6.47 19.06 3.86
C GLN B 45 6.59 18.53 5.28
N ALA B 46 6.04 19.28 6.24
CA ALA B 46 6.06 18.87 7.64
C ALA B 46 5.14 17.69 7.88
N LEU B 47 4.14 17.54 7.00
CA LEU B 47 3.13 16.50 7.13
C LEU B 47 3.55 15.12 6.63
N LYS B 48 4.49 15.07 5.71
CA LYS B 48 4.92 13.81 5.10
C LYS B 48 5.52 12.82 6.08
N LYS B 49 6.53 13.27 6.83
CA LYS B 49 7.23 12.41 7.78
C LYS B 49 6.26 11.65 8.67
N GLU B 50 5.10 12.25 8.90
CA GLU B 50 4.09 11.64 9.74
C GLU B 50 3.46 10.44 9.06
N LEU B 51 3.14 10.59 7.78
CA LEU B 51 2.50 9.54 7.02
C LEU B 51 3.47 8.41 6.65
N SER B 52 4.76 8.70 6.69
CA SER B 52 5.75 7.67 6.40
C SER B 52 5.82 6.70 7.58
N GLN B 53 4.82 6.77 8.45
CA GLN B 53 4.80 5.97 9.68
C GLN B 53 4.05 4.63 9.62
N LYS B 54 4.44 3.74 10.53
CA LYS B 54 3.91 2.38 10.62
C LYS B 54 2.48 2.27 11.14
N THR B 55 2.21 3.01 12.21
CA THR B 55 0.96 2.94 12.95
C THR B 55 0.79 4.26 13.64
N LEU B 56 0.46 5.34 12.94
CA LEU B 56 0.33 6.64 13.62
C LEU B 56 -0.15 6.64 15.06
N THR B 57 0.54 7.41 15.87
CA THR B 57 0.47 7.32 17.32
C THR B 57 -0.70 7.94 18.09
N LYS B 58 -1.24 9.02 17.55
CA LYS B 58 -2.22 9.89 18.20
C LYS B 58 -1.40 10.96 18.91
N THR B 59 -0.09 10.89 18.64
CA THR B 59 0.88 11.90 19.03
C THR B 59 1.26 12.41 17.66
N SER B 60 0.97 11.55 16.68
CA SER B 60 1.25 11.78 15.28
C SER B 60 -0.06 12.03 14.54
N LEU B 61 -1.18 11.74 15.19
CA LEU B 61 -2.49 11.98 14.60
C LEU B 61 -2.95 13.41 14.90
N GLU B 62 -2.87 13.81 16.17
CA GLU B 62 -3.19 15.18 16.59
C GLU B 62 -2.39 16.10 15.70
N GLU B 63 -1.17 15.67 15.43
CA GLU B 63 -0.21 16.41 14.64
C GLU B 63 -0.75 16.68 13.24
N ILE B 64 -1.39 15.68 12.65
CA ILE B 64 -1.96 15.80 11.32
C ILE B 64 -3.18 16.72 11.33
N ALA B 65 -4.09 16.48 12.27
CA ALA B 65 -5.30 17.28 12.39
C ALA B 65 -4.98 18.77 12.43
N LEU B 66 -3.91 19.13 13.12
CA LEU B 66 -3.50 20.53 13.23
C LEU B 66 -2.87 21.02 11.94
N HIS B 67 -2.12 20.14 11.28
CA HIS B 67 -1.45 20.49 10.03
C HIS B 67 -2.46 20.65 8.91
N SER B 68 -3.50 19.82 8.93
CA SER B 68 -4.54 19.88 7.92
C SER B 68 -5.31 21.19 8.04
N SER B 69 -5.77 21.49 9.25
CA SER B 69 -6.53 22.71 9.52
C SER B 69 -5.73 23.94 9.13
N GLN B 70 -4.42 23.88 9.32
CA GLN B 70 -3.54 24.99 8.97
C GLN B 70 -3.52 25.14 7.46
N ILE B 71 -3.35 24.03 6.76
CA ILE B 71 -3.35 24.01 5.30
C ILE B 71 -4.70 24.51 4.80
N SER B 72 -5.76 24.19 5.55
CA SER B 72 -7.11 24.59 5.18
C SER B 72 -7.31 26.10 5.35
N MET B 73 -6.60 26.68 6.30
CA MET B 73 -6.66 28.11 6.54
C MET B 73 -6.02 28.85 5.38
N ASP B 74 -4.84 28.39 4.97
CA ASP B 74 -4.10 29.01 3.88
C ASP B 74 -4.78 28.88 2.52
N VAL B 75 -5.37 27.71 2.26
CA VAL B 75 -6.08 27.50 1.00
C VAL B 75 -7.20 28.53 0.87
N ASN B 76 -7.91 28.75 1.98
CA ASN B 76 -8.99 29.73 2.00
C ASN B 76 -8.41 31.13 1.91
N LYS B 77 -7.25 31.31 2.53
CA LYS B 77 -6.54 32.60 2.48
C LYS B 77 -6.13 32.84 1.03
N SER B 78 -5.76 31.76 0.35
CA SER B 78 -5.39 31.83 -1.05
C SER B 78 -6.61 32.10 -1.90
N ALA B 79 -7.66 31.31 -1.69
CA ALA B 79 -8.90 31.44 -2.42
C ALA B 79 -9.39 32.89 -2.42
N GLN B 80 -9.18 33.57 -1.30
CA GLN B 80 -9.58 34.96 -1.16
C GLN B 80 -8.76 35.87 -2.08
N LEU B 81 -7.45 35.65 -2.09
CA LEU B 81 -6.56 36.45 -2.92
C LEU B 81 -6.77 36.11 -4.39
N LEU B 82 -6.78 34.81 -4.70
CA LEU B 82 -6.99 34.35 -6.06
C LEU B 82 -8.29 34.95 -6.61
N ASP B 83 -9.26 35.19 -5.72
CA ASP B 83 -10.52 35.78 -6.13
C ASP B 83 -10.34 37.22 -6.57
N ILE B 84 -9.51 37.95 -5.83
CA ILE B 84 -9.23 39.34 -6.17
C ILE B 84 -8.56 39.44 -7.54
N LEU B 85 -7.52 38.63 -7.72
CA LEU B 85 -6.79 38.60 -8.98
C LEU B 85 -7.72 38.33 -10.16
N SER B 86 -8.68 37.44 -9.94
CA SER B 86 -9.65 37.07 -10.98
C SER B 86 -10.50 38.26 -11.40
N ARG B 87 -11.20 38.86 -10.44
CA ARG B 87 -12.05 40.00 -10.71
C ARG B 87 -11.29 41.10 -11.44
N HIS B 88 -10.06 41.36 -11.01
CA HIS B 88 -9.22 42.38 -11.63
C HIS B 88 -8.58 41.86 -12.91
N GLU B 89 -8.94 40.63 -13.28
CA GLU B 89 -8.42 39.99 -14.49
C GLU B 89 -6.92 40.17 -14.68
N TYR B 90 -6.16 40.04 -13.60
CA TYR B 90 -4.71 40.18 -13.69
C TYR B 90 -4.14 39.19 -14.70
N PRO B 91 -3.41 39.71 -15.68
CA PRO B 91 -2.86 38.88 -16.75
C PRO B 91 -1.83 37.85 -16.28
N ILE B 92 -1.77 36.74 -17.01
CA ILE B 92 -0.82 35.67 -16.74
C ILE B 92 -0.11 35.35 -18.05
N ASN B 93 1.07 35.93 -18.24
CA ASN B 93 1.84 35.75 -19.48
C ASN B 93 1.87 34.32 -19.98
N LYS B 94 2.30 34.15 -21.24
CA LYS B 94 2.37 32.84 -21.87
C LYS B 94 3.33 31.91 -21.13
N ASP B 95 4.49 32.43 -20.77
CA ASP B 95 5.49 31.65 -20.06
C ASP B 95 4.95 31.14 -18.72
N ALA B 96 4.46 32.07 -17.90
CA ALA B 96 3.89 31.70 -16.61
C ALA B 96 2.77 30.69 -16.80
N ARG B 97 2.05 30.83 -17.92
CA ARG B 97 0.96 29.92 -18.25
C ARG B 97 1.51 28.56 -18.63
N GLU B 98 2.56 28.56 -19.44
CA GLU B 98 3.19 27.33 -19.89
C GLU B 98 3.62 26.46 -18.71
N LEU B 99 3.96 27.11 -17.60
CA LEU B 99 4.40 26.41 -16.40
C LEU B 99 3.33 25.48 -15.84
N LEU B 100 2.07 25.85 -16.03
CA LEU B 100 0.96 25.06 -15.52
C LEU B 100 0.96 23.62 -16.06
N HIS B 101 1.71 23.39 -17.13
CA HIS B 101 1.76 22.08 -17.74
C HIS B 101 2.48 21.07 -16.84
N SER B 102 3.25 21.57 -15.88
CA SER B 102 4.02 20.70 -14.99
C SER B 102 3.26 20.32 -13.73
N ALA B 103 2.06 20.89 -13.55
CA ALA B 103 1.24 20.57 -12.40
C ALA B 103 0.62 19.17 -12.58
N PRO B 104 0.16 18.59 -11.48
CA PRO B 104 -0.42 17.25 -11.52
C PRO B 104 -1.59 17.14 -12.50
N LYS B 105 -1.81 15.94 -13.00
CA LYS B 105 -2.91 15.68 -13.93
C LYS B 105 -4.24 15.87 -13.21
N GLU B 106 -4.28 15.43 -11.96
CA GLU B 106 -5.48 15.53 -11.14
C GLU B 106 -5.88 17.00 -10.95
N ALA B 107 -4.88 17.87 -10.83
CA ALA B 107 -5.13 19.29 -10.67
C ALA B 107 -6.04 19.79 -11.79
N GLU B 108 -5.80 19.31 -13.00
CA GLU B 108 -6.60 19.69 -14.16
C GLU B 108 -6.31 21.12 -14.59
N LEU B 109 -5.03 21.42 -14.84
CA LEU B 109 -4.63 22.76 -15.26
C LEU B 109 -3.92 22.74 -16.61
N ASP B 110 -4.32 23.65 -17.50
CA ASP B 110 -3.74 23.76 -18.82
C ASP B 110 -2.59 24.78 -18.82
N GLY B 111 -1.46 24.39 -19.39
CA GLY B 111 -0.28 25.26 -19.43
C GLY B 111 -0.42 26.40 -20.44
N ASP B 112 -1.65 26.63 -20.88
CA ASP B 112 -2.00 27.66 -21.85
C ASP B 112 -3.30 27.17 -22.46
N GLN B 113 -4.26 28.06 -22.64
CA GLN B 113 -5.52 27.69 -23.27
C GLN B 113 -6.06 28.97 -23.83
N MET B 114 -5.29 30.03 -23.65
CA MET B 114 -5.67 31.37 -24.06
C MET B 114 -7.12 31.64 -23.66
N ILE B 115 -7.38 31.44 -22.38
CA ILE B 115 -8.68 31.68 -21.80
C ILE B 115 -8.53 32.88 -20.86
N SER B 116 -9.64 33.48 -20.48
CA SER B 116 -9.63 34.66 -19.62
C SER B 116 -8.73 34.48 -18.39
N HIS B 117 -8.00 35.53 -18.05
CA HIS B 117 -7.15 35.51 -16.85
C HIS B 117 -8.07 35.27 -15.67
N ARG B 118 -9.29 35.78 -15.77
CA ARG B 118 -10.29 35.63 -14.72
C ARG B 118 -10.60 34.15 -14.51
N GLU B 119 -10.79 33.42 -15.61
CA GLU B 119 -11.10 32.00 -15.53
C GLU B 119 -9.90 31.19 -15.08
N LEU B 120 -8.69 31.64 -15.43
CA LEU B 120 -7.47 30.95 -15.04
C LEU B 120 -7.26 31.04 -13.53
N TRP B 121 -7.30 32.26 -13.00
CA TRP B 121 -7.14 32.47 -11.57
C TRP B 121 -8.22 31.73 -10.81
N ALA B 122 -9.38 31.56 -11.45
CA ALA B 122 -10.50 30.87 -10.84
C ALA B 122 -10.26 29.36 -10.83
N LYS B 123 -9.81 28.83 -11.96
CA LYS B 123 -9.52 27.40 -12.07
C LYS B 123 -8.41 27.03 -11.09
N ILE B 124 -7.39 27.90 -10.99
CA ILE B 124 -6.29 27.69 -10.07
C ILE B 124 -6.82 27.54 -8.65
N ALA B 125 -7.59 28.52 -8.21
CA ALA B 125 -8.18 28.48 -6.88
C ALA B 125 -8.98 27.20 -6.70
N ASN B 126 -9.74 26.84 -7.72
CA ASN B 126 -10.55 25.62 -7.68
C ASN B 126 -9.67 24.39 -7.49
N SER B 127 -8.51 24.39 -8.14
CA SER B 127 -7.56 23.27 -8.05
C SER B 127 -7.03 23.08 -6.63
N ILE B 128 -6.76 24.20 -5.95
CA ILE B 128 -6.24 24.15 -4.59
C ILE B 128 -7.29 23.61 -3.62
N ASN B 129 -8.54 24.01 -3.82
CA ASN B 129 -9.64 23.55 -2.98
C ASN B 129 -10.02 22.11 -3.32
N ASP B 130 -10.08 21.81 -4.61
CA ASP B 130 -10.42 20.46 -5.05
C ASP B 130 -9.48 19.44 -4.43
N ILE B 131 -8.20 19.54 -4.74
CA ILE B 131 -7.20 18.62 -4.21
C ILE B 131 -7.30 18.50 -2.70
N ASN B 132 -7.23 19.64 -2.02
CA ASN B 132 -7.28 19.66 -0.57
C ASN B 132 -8.51 18.96 0.00
N GLU B 133 -9.66 19.17 -0.64
CA GLU B 133 -10.91 18.60 -0.17
C GLU B 133 -11.20 17.18 -0.67
N GLN B 134 -10.86 16.91 -1.92
CA GLN B 134 -11.11 15.60 -2.51
C GLN B 134 -10.00 14.58 -2.28
N TYR B 135 -8.80 15.05 -1.96
CA TYR B 135 -7.67 14.15 -1.75
C TYR B 135 -7.16 14.15 -0.31
N LEU B 136 -6.58 15.27 0.12
CA LEU B 136 -6.05 15.36 1.47
C LEU B 136 -7.09 15.00 2.52
N LYS B 137 -8.08 15.86 2.69
CA LYS B 137 -9.14 15.63 3.67
C LYS B 137 -9.75 14.24 3.55
N VAL B 138 -10.09 13.84 2.32
CA VAL B 138 -10.69 12.53 2.08
C VAL B 138 -9.89 11.40 2.71
N TYR B 139 -8.57 11.49 2.62
CA TYR B 139 -7.71 10.43 3.15
C TYR B 139 -7.24 10.67 4.58
N GLU B 140 -7.19 11.94 4.99
CA GLU B 140 -6.80 12.27 6.35
C GLU B 140 -7.87 11.76 7.32
N HIS B 141 -9.04 11.47 6.78
CA HIS B 141 -10.14 10.96 7.58
C HIS B 141 -10.10 9.44 7.63
N ALA B 142 -10.03 8.81 6.47
CA ALA B 142 -9.96 7.36 6.39
C ALA B 142 -8.76 6.85 7.17
N VAL B 143 -7.64 7.55 7.03
CA VAL B 143 -6.41 7.18 7.74
C VAL B 143 -6.61 7.36 9.24
N SER B 144 -7.17 8.51 9.62
CA SER B 144 -7.40 8.80 11.03
C SER B 144 -8.39 7.80 11.63
N SER B 145 -9.52 7.61 10.94
CA SER B 145 -10.55 6.69 11.40
C SER B 145 -10.00 5.29 11.68
N TYR B 146 -9.35 4.70 10.68
CA TYR B 146 -8.78 3.37 10.83
C TYR B 146 -7.69 3.34 11.91
N THR B 147 -6.84 4.36 11.90
CA THR B 147 -5.77 4.46 12.88
C THR B 147 -6.35 4.40 14.29
N GLN B 148 -7.30 5.30 14.57
CA GLN B 148 -7.94 5.36 15.87
C GLN B 148 -8.44 3.98 16.30
N MET B 149 -9.12 3.28 15.40
CA MET B 149 -9.66 1.96 15.71
C MET B 149 -8.57 0.96 16.05
N TYR B 150 -7.60 0.78 15.15
CA TYR B 150 -6.51 -0.15 15.39
C TYR B 150 -5.74 0.22 16.66
N GLN B 151 -5.75 1.50 16.99
CA GLN B 151 -5.09 1.99 18.19
C GLN B 151 -5.86 1.48 19.42
N ASP B 152 -7.15 1.25 19.23
CA ASP B 152 -8.00 0.73 20.29
C ASP B 152 -7.82 -0.78 20.39
N PHE B 153 -7.54 -1.42 19.25
CA PHE B 153 -7.32 -2.86 19.20
C PHE B 153 -5.96 -3.19 19.81
N SER B 154 -4.99 -2.32 19.59
CA SER B 154 -3.66 -2.51 20.15
C SER B 154 -3.74 -2.46 21.68
N ALA B 155 -4.69 -1.69 22.18
CA ALA B 155 -4.91 -1.58 23.61
C ALA B 155 -5.38 -2.93 24.14
N VAL B 156 -6.14 -3.63 23.31
CA VAL B 156 -6.64 -4.95 23.66
C VAL B 156 -5.47 -5.92 23.71
N LEU B 157 -4.60 -5.84 22.71
CA LEU B 157 -3.43 -6.70 22.64
C LEU B 157 -2.64 -6.60 23.95
N SER B 158 -2.40 -5.36 24.40
CA SER B 158 -1.69 -5.14 25.65
C SER B 158 -2.38 -5.90 26.78
N SER B 159 -3.70 -5.89 26.76
CA SER B 159 -4.48 -6.58 27.78
C SER B 159 -4.41 -8.10 27.57
N LEU B 160 -4.31 -8.51 26.31
CA LEU B 160 -4.24 -9.93 25.97
C LEU B 160 -3.09 -10.62 26.69
N ALA B 161 -2.00 -9.89 26.90
CA ALA B 161 -0.82 -10.44 27.57
C ALA B 161 -1.11 -10.88 28.99
N GLY B 162 -1.95 -10.12 29.69
CA GLY B 162 -2.31 -10.43 31.07
C GLY B 162 -3.54 -11.35 31.11
N TRP B 163 -4.00 -11.77 29.93
CA TRP B 163 -5.16 -12.65 29.83
C TRP B 163 -4.73 -14.09 29.59
N ILE B 164 -3.43 -14.31 29.45
CA ILE B 164 -2.88 -15.64 29.23
C ILE B 164 -2.02 -16.14 30.39
N SER B 165 -2.25 -17.38 30.81
CA SER B 165 -1.51 -17.99 31.92
C SER B 165 -1.45 -19.51 31.77
N PRO B 166 -0.58 -20.16 32.54
CA PRO B 166 -0.36 -21.60 32.44
C PRO B 166 -1.34 -22.49 33.23
N GLY B 167 -1.40 -23.77 32.81
CA GLY B 167 -2.26 -24.78 33.43
C GLY B 167 -2.14 -26.08 32.61
N GLY B 168 -0.91 -26.52 32.43
CA GLY B 168 -0.50 -27.63 31.55
C GLY B 168 -1.15 -29.02 31.55
N ASN B 169 -0.67 -29.93 32.40
CA ASN B 169 0.23 -29.61 33.50
C ASN B 169 1.56 -30.38 33.42
N ASP B 170 2.52 -29.91 32.63
CA ASP B 170 2.36 -28.75 31.77
C ASP B 170 2.89 -29.08 30.38
N GLY B 171 2.48 -28.28 29.39
CA GLY B 171 2.86 -28.49 28.00
C GLY B 171 3.53 -27.32 27.25
N ASN B 172 3.18 -26.07 27.57
CA ASN B 172 2.26 -25.73 28.63
C ASN B 172 0.86 -25.42 28.13
N SER B 173 -0.14 -26.06 28.74
CA SER B 173 -1.52 -25.77 28.41
C SER B 173 -1.76 -24.31 28.77
N VAL B 174 -2.37 -23.56 27.86
CA VAL B 174 -2.59 -22.14 28.08
C VAL B 174 -4.01 -21.82 28.53
N LYS B 175 -4.13 -21.00 29.56
CA LYS B 175 -5.43 -20.57 30.06
C LYS B 175 -5.77 -19.22 29.47
N LEU B 176 -6.92 -19.13 28.81
CA LEU B 176 -7.32 -17.90 28.14
C LEU B 176 -8.65 -17.36 28.65
N GLN B 177 -8.64 -16.09 29.07
CA GLN B 177 -9.86 -15.43 29.53
C GLN B 177 -10.72 -15.11 28.32
N VAL B 178 -11.36 -16.14 27.78
CA VAL B 178 -12.20 -15.99 26.60
C VAL B 178 -13.16 -14.82 26.69
N ASN B 179 -14.01 -14.82 27.72
CA ASN B 179 -14.99 -13.76 27.91
C ASN B 179 -14.36 -12.37 27.92
N SER B 180 -13.31 -12.21 28.73
CA SER B 180 -12.62 -10.93 28.83
C SER B 180 -12.22 -10.41 27.44
N LEU B 181 -11.65 -11.30 26.64
CA LEU B 181 -11.22 -10.94 25.29
C LEU B 181 -12.42 -10.69 24.40
N LYS B 182 -13.43 -11.54 24.51
CA LYS B 182 -14.65 -11.38 23.71
C LYS B 182 -15.30 -10.04 24.04
N LYS B 183 -15.42 -9.74 25.33
CA LYS B 183 -16.02 -8.49 25.77
C LYS B 183 -15.31 -7.29 25.16
N ALA B 184 -13.99 -7.27 25.28
CA ALA B 184 -13.20 -6.17 24.74
C ALA B 184 -13.38 -6.06 23.22
N LEU B 185 -13.31 -7.21 22.55
CA LEU B 185 -13.46 -7.26 21.11
C LEU B 185 -14.83 -6.80 20.62
N GLU B 186 -15.88 -7.10 21.38
CA GLU B 186 -17.22 -6.70 21.01
C GLU B 186 -17.53 -5.24 21.35
N GLU B 187 -16.61 -4.61 22.08
CA GLU B 187 -16.76 -3.21 22.42
C GLU B 187 -16.08 -2.39 21.32
N LEU B 188 -15.01 -2.96 20.76
CA LEU B 188 -14.30 -2.31 19.67
C LEU B 188 -15.18 -2.25 18.42
N LYS B 189 -15.67 -3.41 17.99
CA LYS B 189 -16.54 -3.48 16.82
C LYS B 189 -17.72 -2.54 17.00
N GLU B 190 -18.22 -2.45 18.22
CA GLU B 190 -19.34 -1.58 18.53
C GLU B 190 -18.95 -0.12 18.28
N LYS B 191 -17.83 0.29 18.87
CA LYS B 191 -17.34 1.66 18.74
C LYS B 191 -17.10 2.09 17.30
N TYR B 192 -16.77 1.14 16.43
CA TYR B 192 -16.48 1.45 15.04
C TYR B 192 -17.42 0.72 14.07
N LYS B 193 -18.46 0.13 14.62
CA LYS B 193 -19.43 -0.62 13.81
C LYS B 193 -19.91 0.15 12.60
N ASP B 194 -20.35 1.39 12.81
CA ASP B 194 -20.88 2.21 11.73
C ASP B 194 -19.97 3.35 11.30
N LYS B 195 -18.83 3.51 11.97
CA LYS B 195 -17.88 4.56 11.62
C LYS B 195 -17.55 4.50 10.14
N PRO B 196 -17.67 5.62 9.46
CA PRO B 196 -17.42 5.68 8.02
C PRO B 196 -16.00 6.14 7.69
N LEU B 197 -15.55 5.76 6.49
CA LEU B 197 -14.24 6.17 6.02
C LEU B 197 -14.41 7.26 4.96
N TYR B 198 -15.56 7.21 4.28
CA TYR B 198 -15.89 8.18 3.25
C TYR B 198 -17.38 8.12 2.95
N PRO B 199 -18.05 9.28 2.93
CA PRO B 199 -17.39 10.56 3.15
C PRO B 199 -17.24 10.86 4.64
N ALA B 200 -16.32 11.76 4.97
CA ALA B 200 -16.06 12.14 6.35
C ALA B 200 -17.32 12.51 7.13
N ASN B 201 -18.14 13.39 6.54
CA ASN B 201 -19.38 13.82 7.19
C ASN B 201 -20.51 14.10 6.22
N ASN B 202 -20.75 13.17 5.30
CA ASN B 202 -21.82 13.33 4.33
C ASN B 202 -22.26 12.00 3.74
N THR B 203 -23.17 12.04 2.78
CA THR B 203 -23.67 10.84 2.12
C THR B 203 -23.33 10.88 0.64
N VAL B 204 -23.56 9.75 -0.03
CA VAL B 204 -23.32 9.64 -1.47
C VAL B 204 -24.20 8.56 -2.07
N SER B 205 -24.21 8.48 -3.40
CA SER B 205 -25.01 7.47 -4.08
C SER B 205 -24.35 6.11 -3.90
N GLN B 206 -25.17 5.09 -3.68
CA GLN B 206 -24.65 3.73 -3.50
C GLN B 206 -23.73 3.37 -4.66
N GLU B 207 -23.95 4.00 -5.81
CA GLU B 207 -23.13 3.75 -6.99
C GLU B 207 -21.75 4.38 -6.83
N GLN B 208 -21.72 5.62 -6.36
CA GLN B 208 -20.47 6.33 -6.13
C GLN B 208 -19.81 5.83 -4.85
N ALA B 209 -20.60 5.22 -3.98
CA ALA B 209 -20.09 4.67 -2.73
C ALA B 209 -19.36 3.37 -3.01
N ASN B 210 -19.90 2.59 -3.95
CA ASN B 210 -19.30 1.33 -4.35
C ASN B 210 -18.03 1.61 -5.15
N LYS B 211 -18.00 2.77 -5.80
CA LYS B 211 -16.86 3.19 -6.60
C LYS B 211 -15.63 3.40 -5.72
N TRP B 212 -15.75 4.32 -4.76
CA TRP B 212 -14.66 4.64 -3.85
C TRP B 212 -14.08 3.37 -3.19
N LEU B 213 -14.97 2.47 -2.79
CA LEU B 213 -14.55 1.23 -2.14
C LEU B 213 -13.70 0.36 -3.07
N THR B 214 -14.08 0.35 -4.35
CA THR B 214 -13.35 -0.45 -5.33
C THR B 214 -12.05 0.24 -5.76
N GLU B 215 -11.87 1.48 -5.35
CA GLU B 215 -10.70 2.27 -5.72
C GLU B 215 -9.56 2.19 -4.71
N LEU B 216 -9.88 1.83 -3.47
CA LEU B 216 -8.85 1.72 -2.45
C LEU B 216 -8.66 0.28 -1.96
N GLY B 217 -9.20 -0.66 -2.71
CA GLY B 217 -9.07 -2.08 -2.38
C GLY B 217 -10.42 -2.79 -2.49
N GLY B 218 -11.18 -2.78 -1.40
CA GLY B 218 -12.48 -3.43 -1.35
C GLY B 218 -12.61 -4.20 -0.03
N THR B 219 -11.48 -4.69 0.45
CA THR B 219 -11.43 -5.44 1.70
C THR B 219 -11.40 -4.48 2.88
N ILE B 220 -10.78 -3.32 2.69
CA ILE B 220 -10.64 -2.32 3.74
C ILE B 220 -11.97 -1.84 4.33
N GLY B 221 -12.90 -1.44 3.46
CA GLY B 221 -14.17 -0.93 3.92
C GLY B 221 -15.38 -1.66 3.35
N LYS B 222 -16.57 -1.30 3.83
CA LYS B 222 -17.81 -1.90 3.39
C LYS B 222 -18.85 -0.83 3.08
N VAL B 223 -19.45 -0.93 1.90
CA VAL B 223 -20.48 0.04 1.51
C VAL B 223 -21.74 -0.21 2.31
N SER B 224 -22.36 0.88 2.77
CA SER B 224 -23.57 0.77 3.57
C SER B 224 -24.44 2.02 3.44
N GLN B 225 -25.66 1.93 3.92
CA GLN B 225 -26.56 3.05 3.83
C GLN B 225 -27.00 3.40 5.25
N LYS B 226 -27.01 4.69 5.54
CA LYS B 226 -27.50 5.24 6.82
C LYS B 226 -28.88 5.66 6.47
N ASN B 227 -28.95 6.78 5.79
CA ASN B 227 -30.16 7.32 5.18
C ASN B 227 -30.01 8.79 4.85
N GLY B 228 -30.28 9.08 3.58
CA GLY B 228 -30.04 10.39 3.00
C GLY B 228 -29.09 10.08 1.86
N GLY B 229 -28.51 8.88 1.91
CA GLY B 229 -27.58 8.39 0.90
C GLY B 229 -26.81 7.16 1.43
N TYR B 230 -25.64 6.93 0.85
CA TYR B 230 -24.80 5.80 1.25
C TYR B 230 -23.45 6.30 1.73
N VAL B 231 -22.69 5.41 2.38
CA VAL B 231 -21.36 5.74 2.87
C VAL B 231 -20.49 4.49 2.91
N VAL B 232 -19.18 4.66 2.82
CA VAL B 232 -18.24 3.55 2.89
C VAL B 232 -17.72 3.41 4.30
N SER B 233 -18.30 2.47 5.06
CA SER B 233 -17.92 2.27 6.44
C SER B 233 -16.75 1.29 6.61
N ILE B 234 -16.21 1.22 7.82
CA ILE B 234 -15.11 0.33 8.12
C ILE B 234 -15.59 -1.13 8.12
N ASN B 235 -14.84 -1.99 7.43
CA ASN B 235 -15.18 -3.41 7.39
C ASN B 235 -14.77 -4.06 8.70
N MET B 236 -15.75 -4.58 9.43
CA MET B 236 -15.49 -5.21 10.73
C MET B 236 -15.35 -6.72 10.62
N THR B 237 -14.99 -7.20 9.44
CA THR B 237 -14.81 -8.62 9.21
C THR B 237 -13.72 -9.23 10.09
N PRO B 238 -12.55 -8.57 10.12
CA PRO B 238 -11.43 -9.07 10.92
C PRO B 238 -11.87 -9.33 12.36
N ILE B 239 -12.60 -8.38 12.93
CA ILE B 239 -13.09 -8.52 14.30
C ILE B 239 -14.11 -9.64 14.40
N ASP B 240 -14.94 -9.79 13.38
CA ASP B 240 -15.95 -10.84 13.35
C ASP B 240 -15.29 -12.21 13.39
N ASN B 241 -14.34 -12.43 12.47
CA ASN B 241 -13.62 -13.69 12.40
C ASN B 241 -12.95 -13.98 13.73
N MET B 242 -12.47 -12.93 14.39
CA MET B 242 -11.82 -13.06 15.69
C MET B 242 -12.80 -13.58 16.73
N LEU B 243 -14.02 -13.04 16.71
CA LEU B 243 -15.04 -13.44 17.66
C LEU B 243 -15.57 -14.85 17.36
N LYS B 244 -15.62 -15.18 16.08
CA LYS B 244 -16.08 -16.50 15.66
C LYS B 244 -15.09 -17.56 16.13
N SER B 245 -13.80 -17.19 16.07
CA SER B 245 -12.73 -18.09 16.50
C SER B 245 -12.79 -18.29 18.00
N LEU B 246 -13.06 -17.21 18.73
CA LEU B 246 -13.14 -17.27 20.19
C LEU B 246 -14.39 -18.01 20.62
N ASP B 247 -15.48 -17.80 19.88
CA ASP B 247 -16.74 -18.48 20.19
C ASP B 247 -16.53 -19.98 20.06
N ASN B 248 -15.81 -20.39 19.03
CA ASN B 248 -15.54 -21.79 18.78
C ASN B 248 -14.62 -22.42 19.83
N LEU B 249 -13.90 -21.58 20.57
CA LEU B 249 -12.98 -22.05 21.59
C LEU B 249 -13.62 -22.97 22.63
N GLY B 250 -14.76 -22.54 23.19
CA GLY B 250 -15.45 -23.37 24.18
C GLY B 250 -16.02 -22.57 25.34
N GLY B 251 -16.41 -23.29 26.40
CA GLY B 251 -17.02 -22.71 27.59
C GLY B 251 -16.35 -21.42 28.06
N ASN B 252 -17.12 -20.58 28.75
CA ASN B 252 -16.63 -19.29 29.23
C ASN B 252 -16.68 -19.21 30.75
N GLY B 253 -16.05 -18.18 31.30
CA GLY B 253 -15.33 -17.20 30.50
C GLY B 253 -13.83 -17.44 30.62
N GLU B 254 -13.45 -18.71 30.76
CA GLU B 254 -12.06 -19.10 30.92
C GLU B 254 -11.85 -20.49 30.32
N VAL B 255 -11.01 -20.58 29.30
CA VAL B 255 -10.75 -21.85 28.65
C VAL B 255 -9.26 -22.21 28.67
N VAL B 256 -8.97 -23.51 28.76
CA VAL B 256 -7.61 -23.99 28.77
C VAL B 256 -7.35 -24.83 27.52
N LEU B 257 -6.36 -24.42 26.73
CA LEU B 257 -6.02 -25.12 25.50
C LEU B 257 -4.58 -25.58 25.49
N ASP B 258 -4.35 -26.81 25.04
CA ASP B 258 -3.00 -27.34 24.93
C ASP B 258 -2.21 -26.43 23.98
N ASN B 259 -0.90 -26.60 23.92
CA ASN B 259 -0.08 -25.77 23.06
C ASN B 259 -0.56 -25.76 21.62
N ALA B 260 -0.69 -26.95 21.04
CA ALA B 260 -1.12 -27.07 19.65
C ALA B 260 -2.37 -26.26 19.35
N LYS B 261 -3.35 -26.33 20.26
CA LYS B 261 -4.60 -25.60 20.06
C LYS B 261 -4.41 -24.10 20.21
N TYR B 262 -3.64 -23.69 21.21
CA TYR B 262 -3.38 -22.27 21.43
C TYR B 262 -2.70 -21.64 20.22
N GLN B 263 -1.55 -22.18 19.85
CA GLN B 263 -0.79 -21.68 18.71
C GLN B 263 -1.68 -21.59 17.47
N ALA B 264 -2.40 -22.67 17.19
CA ALA B 264 -3.31 -22.70 16.05
C ALA B 264 -4.27 -21.52 16.10
N TRP B 265 -4.77 -21.22 17.30
CA TRP B 265 -5.69 -20.10 17.48
C TRP B 265 -4.94 -18.78 17.32
N ASN B 266 -3.79 -18.66 17.99
CA ASN B 266 -2.98 -17.46 17.92
C ASN B 266 -2.66 -17.12 16.46
N ALA B 267 -2.39 -18.16 15.68
CA ALA B 267 -2.08 -17.98 14.26
C ALA B 267 -3.25 -17.26 13.57
N GLY B 268 -4.45 -17.78 13.80
CA GLY B 268 -5.65 -17.18 13.24
C GLY B 268 -5.81 -15.75 13.74
N PHE B 269 -5.76 -15.59 15.07
CA PHE B 269 -5.86 -14.28 15.69
C PHE B 269 -4.83 -13.31 15.10
N SER B 270 -3.57 -13.69 15.19
CA SER B 270 -2.49 -12.86 14.66
C SER B 270 -2.76 -12.48 13.21
N ALA B 271 -3.24 -13.45 12.44
CA ALA B 271 -3.57 -13.22 11.04
C ALA B 271 -4.46 -12.00 10.88
N GLU B 272 -5.61 -12.05 11.55
CA GLU B 272 -6.56 -10.94 11.51
C GLU B 272 -5.89 -9.62 11.82
N ASP B 273 -5.08 -9.60 12.87
CA ASP B 273 -4.37 -8.38 13.26
C ASP B 273 -3.62 -7.78 12.08
N GLU B 274 -2.86 -8.61 11.38
CA GLU B 274 -2.08 -8.16 10.23
C GLU B 274 -2.97 -7.68 9.08
N THR B 275 -4.15 -8.27 8.95
CA THR B 275 -5.08 -7.86 7.91
C THR B 275 -5.42 -6.39 8.10
N MET B 276 -5.59 -5.99 9.35
CA MET B 276 -5.87 -4.60 9.68
C MET B 276 -4.59 -3.78 9.58
N LYS B 277 -3.50 -4.35 10.10
CA LYS B 277 -2.20 -3.69 10.05
C LYS B 277 -1.89 -3.31 8.60
N ASN B 278 -2.24 -4.18 7.68
CA ASN B 278 -2.01 -3.96 6.26
C ASN B 278 -2.89 -2.83 5.71
N ASN B 279 -4.21 -3.02 5.81
CA ASN B 279 -5.16 -2.02 5.35
C ASN B 279 -4.79 -0.65 5.89
N LEU B 280 -4.25 -0.63 7.10
CA LEU B 280 -3.82 0.59 7.74
C LEU B 280 -2.75 1.29 6.90
N GLN B 281 -1.77 0.51 6.44
CA GLN B 281 -0.69 1.05 5.61
C GLN B 281 -1.24 1.52 4.27
N THR B 282 -2.16 0.73 3.70
CA THR B 282 -2.75 1.08 2.42
C THR B 282 -3.33 2.49 2.47
N LEU B 283 -4.11 2.77 3.52
CA LEU B 283 -4.71 4.09 3.69
C LEU B 283 -3.60 5.14 3.83
N VAL B 284 -2.66 4.86 4.73
CA VAL B 284 -1.53 5.75 4.96
C VAL B 284 -0.84 6.08 3.64
N GLN B 285 -0.94 5.15 2.70
CA GLN B 285 -0.33 5.33 1.38
C GLN B 285 -1.13 6.37 0.60
N LYS B 286 -2.38 6.03 0.30
CA LYS B 286 -3.26 6.91 -0.45
C LYS B 286 -3.25 8.33 0.09
N TYR B 287 -2.92 8.48 1.37
CA TYR B 287 -2.86 9.80 1.99
C TYR B 287 -1.56 10.49 1.62
N SER B 288 -0.44 9.77 1.71
CA SER B 288 0.87 10.32 1.37
C SER B 288 0.90 10.70 -0.10
N ASN B 289 0.36 9.84 -0.95
CA ASN B 289 0.28 10.11 -2.37
C ASN B 289 -0.43 11.45 -2.57
N ALA B 290 -1.57 11.61 -1.92
CA ALA B 290 -2.35 12.83 -1.99
C ALA B 290 -1.51 14.05 -1.61
N ASN B 291 -0.61 13.86 -0.65
CA ASN B 291 0.28 14.93 -0.21
C ASN B 291 1.24 15.27 -1.34
N SER B 292 1.72 14.24 -2.02
CA SER B 292 2.63 14.41 -3.13
C SER B 292 2.00 15.28 -4.21
N ILE B 293 0.86 14.84 -4.73
CA ILE B 293 0.14 15.58 -5.76
C ILE B 293 -0.14 17.02 -5.33
N PHE B 294 -0.54 17.19 -4.08
CA PHE B 294 -0.82 18.52 -3.54
C PHE B 294 0.45 19.35 -3.52
N ASP B 295 1.55 18.71 -3.11
CA ASP B 295 2.84 19.40 -3.05
C ASP B 295 3.31 19.79 -4.45
N ASN B 296 3.17 18.86 -5.39
CA ASN B 296 3.54 19.13 -6.78
C ASN B 296 2.75 20.36 -7.23
N LEU B 297 1.48 20.42 -6.85
CA LEU B 297 0.61 21.53 -7.20
C LEU B 297 1.17 22.87 -6.74
N VAL B 298 1.32 23.03 -5.43
CA VAL B 298 1.81 24.29 -4.86
C VAL B 298 3.19 24.67 -5.40
N LYS B 299 4.02 23.66 -5.66
CA LYS B 299 5.35 23.91 -6.18
C LYS B 299 5.32 24.63 -7.52
N VAL B 300 4.53 24.13 -8.46
CA VAL B 300 4.40 24.76 -9.77
C VAL B 300 3.52 26.01 -9.71
N LEU B 301 2.52 25.98 -8.83
CA LEU B 301 1.64 27.12 -8.65
C LEU B 301 2.46 28.33 -8.21
N SER B 302 3.42 28.08 -7.33
CA SER B 302 4.29 29.13 -6.81
C SER B 302 5.20 29.67 -7.90
N SER B 303 5.77 28.77 -8.70
CA SER B 303 6.62 29.17 -9.81
C SER B 303 5.84 30.02 -10.80
N THR B 304 4.58 29.63 -11.03
CA THR B 304 3.70 30.36 -11.93
C THR B 304 3.50 31.77 -11.40
N ILE B 305 3.06 31.87 -10.15
CA ILE B 305 2.82 33.16 -9.51
C ILE B 305 4.05 34.06 -9.65
N SER B 306 5.21 33.50 -9.32
CA SER B 306 6.46 34.25 -9.40
C SER B 306 6.67 34.82 -10.81
N SER B 307 6.47 33.99 -11.81
CA SER B 307 6.64 34.40 -13.21
C SER B 307 5.64 35.46 -13.64
N CYS B 308 5.01 36.11 -12.66
CA CYS B 308 4.02 37.15 -12.93
C CYS B 308 4.48 38.52 -12.46
C1 GOL C . 2.02 10.21 -12.14
O1 GOL C . 1.93 9.43 -13.33
C2 GOL C . 0.79 11.13 -12.02
O2 GOL C . -0.39 10.33 -11.97
C3 GOL C . 0.89 11.96 -10.75
O3 GOL C . -0.25 12.82 -10.63
#